data_8ISR
#
_entry.id   8ISR
#
_cell.length_a   61.680
_cell.length_b   70.410
_cell.length_c   130.940
_cell.angle_alpha   90.000
_cell.angle_beta   90.000
_cell.angle_gamma   90.000
#
_symmetry.space_group_name_H-M   'P 21 21 21'
#
loop_
_entity.id
_entity.type
_entity.pdbx_description
1 polymer Beta-lactamase
2 non-polymer '(R)-2-((R)-((R)-2-amino-2-phenylacetamido)(carboxy)methyl)-5-chloro-3,6-dihydro-2H-1,3-thiazine-4-carboxylic acid'
3 non-polymer 1,2-ETHANEDIOL
4 water water
#
_entity_poly.entity_id   1
_entity_poly.type   'polypeptide(L)'
_entity_poly.pdbx_seq_one_letter_code
;GSHMPAAVSDADFATLEKTSGGRLGVCLWHPASGARYGHRMDERFPMCSTVKFPLAAAILHRVDAGKLSLDQRVAVRQGD
IISHSPFTERHVGKDMTVRDLCRATLIISDNAAANLLLPLIDGPAGLTAFLQAQGDRITVSARNQPELNHFAPGDPRDTT
SPAAMAGNLQRFLLGDVLSPASRQQLADWLIDNQTGDARLRAGLPQGWRVGDKTGSNGQDTSNDIAALWPLAGGAPWLLS
CYLQGSALDDDGRDGILRQVGELAGARLG
;
_entity_poly.pdbx_strand_id   A,B
#
# COMPACT_ATOMS: atom_id res chain seq x y z
N SER A 9 -35.51 -10.11 -12.81
CA SER A 9 -35.57 -11.27 -11.90
C SER A 9 -34.19 -11.87 -11.71
N ASP A 10 -34.06 -12.80 -10.75
CA ASP A 10 -32.82 -13.55 -10.63
C ASP A 10 -32.47 -14.31 -11.90
N ALA A 11 -33.40 -14.40 -12.85
CA ALA A 11 -33.09 -14.97 -14.16
C ALA A 11 -32.04 -14.15 -14.90
N ASP A 12 -31.88 -12.86 -14.57
CA ASP A 12 -30.83 -12.06 -15.17
C ASP A 12 -29.46 -12.70 -14.97
N PHE A 13 -29.21 -13.24 -13.78
CA PHE A 13 -27.91 -13.85 -13.51
C PHE A 13 -27.72 -15.13 -14.32
N ALA A 14 -28.79 -15.90 -14.54
CA ALA A 14 -28.68 -17.08 -15.39
C ALA A 14 -28.39 -16.71 -16.82
N THR A 15 -28.92 -15.56 -17.29
CA THR A 15 -28.62 -15.11 -18.64
C THR A 15 -27.16 -14.72 -18.77
N LEU A 16 -26.65 -13.93 -17.81
CA LEU A 16 -25.24 -13.58 -17.82
C LEU A 16 -24.36 -14.82 -17.81
N GLU A 17 -24.72 -15.82 -16.98
CA GLU A 17 -23.93 -17.05 -16.88
C GLU A 17 -23.73 -17.70 -18.24
N LYS A 18 -24.80 -17.75 -19.05
CA LYS A 18 -24.71 -18.37 -20.37
C LYS A 18 -23.60 -17.77 -21.23
N THR A 19 -23.42 -16.44 -21.17
CA THR A 19 -22.35 -15.81 -21.95
C THR A 19 -20.98 -16.04 -21.34
N SER A 20 -20.90 -16.45 -20.07
CA SER A 20 -19.62 -16.57 -19.38
C SER A 20 -18.89 -17.85 -19.71
N GLY A 21 -19.58 -18.84 -20.23
CA GLY A 21 -18.96 -20.12 -20.48
C GLY A 21 -18.55 -20.90 -19.25
N GLY A 22 -19.06 -20.56 -18.08
CA GLY A 22 -18.72 -21.27 -16.86
C GLY A 22 -19.89 -21.29 -15.89
N ARG A 23 -19.57 -21.47 -14.61
CA ARG A 23 -20.55 -21.51 -13.53
C ARG A 23 -20.45 -20.21 -12.73
N LEU A 24 -21.57 -19.49 -12.59
CA LEU A 24 -21.59 -18.16 -11.99
C LEU A 24 -22.38 -18.20 -10.68
N GLY A 25 -21.73 -17.83 -9.58
CA GLY A 25 -22.38 -17.73 -8.28
C GLY A 25 -22.38 -16.28 -7.78
N VAL A 26 -23.57 -15.79 -7.41
CA VAL A 26 -23.74 -14.41 -6.95
C VAL A 26 -24.65 -14.39 -5.72
N CYS A 27 -24.26 -13.61 -4.71
CA CYS A 27 -25.15 -13.29 -3.60
C CYS A 27 -25.10 -11.79 -3.32
N LEU A 28 -26.22 -11.11 -3.55
CA LEU A 28 -26.40 -9.69 -3.22
C LEU A 28 -27.37 -9.61 -2.04
N TRP A 29 -26.90 -9.10 -0.90
CA TRP A 29 -27.56 -9.27 0.37
C TRP A 29 -27.63 -7.94 1.12
N HIS A 30 -28.81 -7.60 1.63
CA HIS A 30 -28.99 -6.35 2.37
C HIS A 30 -29.48 -6.67 3.77
N PRO A 31 -28.57 -6.82 4.74
CA PRO A 31 -28.98 -7.27 6.08
C PRO A 31 -30.13 -6.46 6.70
N ALA A 32 -30.10 -5.14 6.58
CA ALA A 32 -31.07 -4.33 7.32
C ALA A 32 -32.49 -4.46 6.77
N SER A 33 -32.65 -4.89 5.52
CA SER A 33 -33.96 -5.10 4.96
C SER A 33 -34.27 -6.55 4.64
N GLY A 34 -33.25 -7.42 4.60
CA GLY A 34 -33.42 -8.80 4.20
C GLY A 34 -33.51 -9.03 2.71
N ALA A 35 -33.30 -8.02 1.87
CA ALA A 35 -33.34 -8.24 0.43
C ALA A 35 -32.16 -9.11 -0.01
N ARG A 36 -32.42 -10.04 -0.92
CA ARG A 36 -31.37 -10.95 -1.35
C ARG A 36 -31.62 -11.33 -2.80
N TYR A 37 -30.58 -11.25 -3.62
CA TYR A 37 -30.65 -11.61 -5.03
C TYR A 37 -29.41 -12.40 -5.40
N GLY A 38 -29.54 -13.30 -6.37
CA GLY A 38 -28.35 -13.96 -6.83
C GLY A 38 -28.65 -15.25 -7.59
N HIS A 39 -27.66 -16.14 -7.57
CA HIS A 39 -27.62 -17.29 -8.45
C HIS A 39 -26.66 -18.30 -7.83
N ARG A 40 -27.08 -19.58 -7.76
CA ARG A 40 -26.24 -20.67 -7.24
C ARG A 40 -25.66 -20.33 -5.88
N MET A 41 -26.48 -19.70 -5.03
CA MET A 41 -26.00 -19.09 -3.80
C MET A 41 -25.49 -20.12 -2.78
N ASP A 42 -25.91 -21.37 -2.87
CA ASP A 42 -25.44 -22.39 -1.93
C ASP A 42 -24.51 -23.42 -2.58
N GLU A 43 -24.13 -23.22 -3.84
CA GLU A 43 -23.15 -24.10 -4.48
C GLU A 43 -21.75 -23.73 -4.02
N ARG A 44 -20.84 -24.72 -4.08
CA ARG A 44 -19.45 -24.52 -3.72
C ARG A 44 -18.65 -24.02 -4.91
N PHE A 45 -17.78 -23.04 -4.67
CA PHE A 45 -16.88 -22.44 -5.64
C PHE A 45 -15.51 -22.34 -5.02
N PRO A 46 -14.44 -22.51 -5.80
CA PRO A 46 -13.09 -22.28 -5.26
C PRO A 46 -12.90 -20.82 -4.81
N MET A 47 -12.37 -20.65 -3.59
CA MET A 47 -12.17 -19.30 -3.08
C MET A 47 -11.07 -18.56 -3.83
N CYS A 48 -10.00 -19.27 -4.19
CA CYS A 48 -8.77 -18.63 -4.63
C CYS A 48 -8.38 -17.55 -3.63
N SER A 49 -7.99 -16.39 -4.12
CA SER A 49 -7.42 -15.38 -3.23
C SER A 49 -8.46 -14.73 -2.32
N THR A 50 -9.76 -14.95 -2.54
CA THR A 50 -10.73 -14.39 -1.59
C THR A 50 -10.62 -15.03 -0.21
N VAL A 51 -9.89 -16.15 -0.08
CA VAL A 51 -9.66 -16.72 1.24
C VAL A 51 -8.88 -15.77 2.14
N LYS A 52 -8.16 -14.81 1.55
CA LYS A 52 -7.40 -13.85 2.32
C LYS A 52 -8.29 -12.95 3.16
N PHE A 53 -9.57 -12.76 2.78
CA PHE A 53 -10.46 -11.95 3.60
C PHE A 53 -10.76 -12.61 4.94
N PRO A 54 -11.25 -13.85 5.01
CA PRO A 54 -11.39 -14.45 6.34
C PRO A 54 -10.06 -14.66 7.05
N LEU A 55 -8.96 -14.89 6.31
CA LEU A 55 -7.64 -15.00 6.94
C LEU A 55 -7.31 -13.74 7.73
N ALA A 56 -7.50 -12.56 7.13
CA ALA A 56 -7.23 -11.32 7.84
C ALA A 56 -8.14 -11.14 9.06
N ALA A 57 -9.42 -11.52 8.95
CA ALA A 57 -10.32 -11.39 10.09
C ALA A 57 -9.90 -12.30 11.23
N ALA A 58 -9.46 -13.52 10.91
CA ALA A 58 -8.93 -14.40 11.95
C ALA A 58 -7.70 -13.79 12.64
N ILE A 59 -6.84 -13.11 11.87
CA ILE A 59 -5.65 -12.48 12.45
C ILE A 59 -6.08 -11.40 13.45
N LEU A 60 -7.02 -10.55 13.03
CA LEU A 60 -7.52 -9.46 13.87
C LEU A 60 -8.27 -9.99 15.08
N HIS A 61 -9.00 -11.09 14.91
CA HIS A 61 -9.69 -11.69 16.05
C HIS A 61 -8.70 -12.18 17.10
N ARG A 62 -7.61 -12.80 16.65
CA ARG A 62 -6.56 -13.26 17.54
C ARG A 62 -5.87 -12.10 18.25
N VAL A 63 -5.73 -10.97 17.54
CA VAL A 63 -5.16 -9.76 18.12
C VAL A 63 -6.11 -9.17 19.16
N ASP A 64 -7.42 -9.13 18.87
CA ASP A 64 -8.39 -8.66 19.85
C ASP A 64 -8.38 -9.49 21.12
N ALA A 65 -8.06 -10.78 21.02
CA ALA A 65 -7.98 -11.65 22.19
C ALA A 65 -6.66 -11.50 22.93
N GLY A 66 -5.77 -10.63 22.46
CA GLY A 66 -4.49 -10.42 23.09
C GLY A 66 -3.50 -11.54 22.90
N LYS A 67 -3.73 -12.43 21.94
CA LYS A 67 -2.85 -13.56 21.69
C LYS A 67 -1.89 -13.31 20.53
N LEU A 68 -1.94 -12.13 19.94
CA LEU A 68 -1.14 -11.77 18.78
C LEU A 68 -1.08 -10.24 18.72
N SER A 69 0.00 -9.71 18.14
CA SER A 69 0.14 -8.28 17.96
C SER A 69 0.28 -7.93 16.48
N LEU A 70 -0.43 -6.87 16.06
CA LEU A 70 -0.25 -6.35 14.72
C LEU A 70 1.15 -5.78 14.50
N ASP A 71 1.88 -5.47 15.57
CA ASP A 71 3.24 -4.97 15.47
C ASP A 71 4.28 -6.05 15.72
N GLN A 72 3.84 -7.27 16.02
CA GLN A 72 4.71 -8.43 15.94
C GLN A 72 5.26 -8.54 14.53
N ARG A 73 6.54 -8.88 14.41
CA ARG A 73 7.20 -8.98 13.12
C ARG A 73 7.50 -10.43 12.76
N VAL A 74 7.44 -10.71 11.46
CA VAL A 74 7.61 -12.06 10.93
C VAL A 74 8.79 -12.06 9.96
N ALA A 75 9.74 -12.97 10.17
CA ALA A 75 10.89 -13.02 9.27
C ALA A 75 10.47 -13.47 7.88
N VAL A 76 11.16 -12.96 6.85
CA VAL A 76 10.92 -13.34 5.47
C VAL A 76 12.21 -13.97 4.93
N ARG A 77 12.09 -15.16 4.34
CA ARG A 77 13.20 -15.85 3.72
C ARG A 77 12.93 -16.07 2.23
N GLN A 78 14.00 -16.33 1.46
CA GLN A 78 13.83 -16.50 0.02
C GLN A 78 12.83 -17.60 -0.30
N GLY A 79 12.87 -18.70 0.47
CA GLY A 79 11.99 -19.83 0.23
C GLY A 79 10.53 -19.52 0.44
N ASP A 80 10.21 -18.42 1.13
CA ASP A 80 8.82 -18.04 1.35
C ASP A 80 8.22 -17.36 0.13
N ILE A 81 9.06 -16.80 -0.73
CA ILE A 81 8.60 -15.99 -1.84
C ILE A 81 8.08 -16.91 -2.93
N ILE A 82 6.83 -16.71 -3.31
CA ILE A 82 6.24 -17.36 -4.48
C ILE A 82 5.77 -16.25 -5.41
N SER A 83 5.30 -16.64 -6.58
CA SER A 83 4.91 -15.68 -7.60
C SER A 83 3.92 -14.68 -7.04
N HIS A 84 3.91 -13.47 -7.61
CA HIS A 84 2.90 -12.45 -7.31
C HIS A 84 2.91 -12.09 -5.81
N SER A 85 4.09 -11.72 -5.32
CA SER A 85 4.27 -11.30 -3.93
C SER A 85 5.02 -9.98 -3.93
N PRO A 86 4.38 -8.90 -4.41
CA PRO A 86 5.14 -7.67 -4.73
C PRO A 86 5.65 -6.90 -3.53
N PHE A 87 5.08 -7.05 -2.34
CA PHE A 87 5.68 -6.44 -1.16
C PHE A 87 6.63 -7.38 -0.42
N THR A 88 6.21 -8.63 -0.22
CA THR A 88 7.05 -9.52 0.59
C THR A 88 8.39 -9.78 -0.09
N GLU A 89 8.42 -9.73 -1.43
CA GLU A 89 9.66 -9.99 -2.16
C GLU A 89 10.72 -8.91 -1.90
N ARG A 90 10.33 -7.76 -1.35
CA ARG A 90 11.28 -6.69 -1.06
C ARG A 90 11.93 -6.85 0.31
N HIS A 91 11.48 -7.80 1.12
CA HIS A 91 11.89 -7.91 2.52
C HIS A 91 12.58 -9.23 2.84
N VAL A 92 13.10 -9.93 1.81
CA VAL A 92 13.83 -11.18 2.05
C VAL A 92 15.05 -10.91 2.91
N GLY A 93 15.18 -11.64 4.01
CA GLY A 93 16.30 -11.48 4.91
C GLY A 93 16.09 -10.44 5.99
N LYS A 94 14.92 -9.82 6.05
CA LYS A 94 14.55 -8.99 7.18
C LYS A 94 13.15 -9.42 7.61
N ASP A 95 12.36 -8.54 8.23
CA ASP A 95 11.02 -8.95 8.66
C ASP A 95 10.00 -7.86 8.37
N MET A 96 8.73 -8.21 8.60
CA MET A 96 7.59 -7.35 8.31
C MET A 96 6.58 -7.48 9.44
N THR A 97 5.91 -6.38 9.80
CA THR A 97 4.87 -6.45 10.81
C THR A 97 3.70 -7.27 10.29
N VAL A 98 2.97 -7.88 11.24
CA VAL A 98 1.74 -8.58 10.89
C VAL A 98 0.75 -7.64 10.22
N ARG A 99 0.70 -6.40 10.68
CA ARG A 99 -0.22 -5.43 10.07
C ARG A 99 0.12 -5.19 8.59
N ASP A 100 1.41 -5.06 8.29
CA ASP A 100 1.81 -4.85 6.90
C ASP A 100 1.60 -6.10 6.05
N LEU A 101 1.77 -7.28 6.62
CA LEU A 101 1.47 -8.50 5.87
C LEU A 101 0.00 -8.57 5.50
N CYS A 102 -0.89 -8.23 6.44
CA CYS A 102 -2.33 -8.19 6.15
C CYS A 102 -2.64 -7.21 5.03
N ARG A 103 -2.07 -6.00 5.11
CA ARG A 103 -2.32 -5.01 4.08
C ARG A 103 -1.91 -5.53 2.71
N ALA A 104 -0.69 -6.06 2.60
CA ALA A 104 -0.19 -6.54 1.31
C ALA A 104 -1.07 -7.64 0.76
N THR A 105 -1.43 -8.62 1.60
CA THR A 105 -2.19 -9.76 1.13
C THR A 105 -3.58 -9.35 0.66
N LEU A 106 -4.20 -8.33 1.28
CA LEU A 106 -5.52 -7.89 0.83
C LEU A 106 -5.45 -6.94 -0.36
N ILE A 107 -4.66 -5.86 -0.29
CA ILE A 107 -4.87 -4.82 -1.29
C ILE A 107 -4.14 -5.07 -2.61
N ILE A 108 -3.11 -5.91 -2.64
CA ILE A 108 -2.45 -6.27 -3.89
C ILE A 108 -2.44 -7.78 -4.10
N SER A 109 -3.04 -8.55 -3.19
CA SER A 109 -3.06 -10.03 -3.23
C SER A 109 -1.65 -10.59 -3.25
N ASP A 110 -0.83 -10.12 -2.32
CA ASP A 110 0.52 -10.64 -2.11
C ASP A 110 0.38 -12.08 -1.62
N ASN A 111 0.86 -13.05 -2.42
CA ASN A 111 0.63 -14.47 -2.13
C ASN A 111 1.50 -14.96 -0.98
N ALA A 112 2.79 -14.60 -0.99
CA ALA A 112 3.65 -15.02 0.11
C ALA A 112 3.19 -14.44 1.44
N ALA A 113 2.61 -13.24 1.41
CA ALA A 113 2.12 -12.63 2.63
C ALA A 113 1.04 -13.49 3.29
N ALA A 114 0.15 -14.08 2.47
CA ALA A 114 -0.84 -14.98 3.03
C ALA A 114 -0.19 -16.20 3.67
N ASN A 115 0.84 -16.77 3.03
CA ASN A 115 1.50 -17.94 3.60
C ASN A 115 2.24 -17.62 4.89
N LEU A 116 2.67 -16.37 5.08
CA LEU A 116 3.34 -16.02 6.31
C LEU A 116 2.35 -15.74 7.44
N LEU A 117 1.12 -15.33 7.10
CA LEU A 117 0.09 -15.08 8.10
C LEU A 117 -0.53 -16.38 8.61
N LEU A 118 -0.78 -17.34 7.71
CA LEU A 118 -1.53 -18.54 8.06
C LEU A 118 -1.02 -19.31 9.28
N PRO A 119 0.28 -19.54 9.48
CA PRO A 119 0.69 -20.25 10.70
C PRO A 119 0.31 -19.53 11.97
N LEU A 120 0.13 -18.20 11.93
CA LEU A 120 -0.19 -17.46 13.14
C LEU A 120 -1.60 -17.75 13.66
N ILE A 121 -2.48 -18.31 12.83
CA ILE A 121 -3.83 -18.69 13.28
C ILE A 121 -4.00 -20.21 13.26
N ASP A 122 -2.88 -20.94 13.25
CA ASP A 122 -2.82 -22.41 13.19
C ASP A 122 -3.24 -22.95 11.82
N GLY A 123 -2.77 -22.29 10.76
CA GLY A 123 -2.91 -22.78 9.42
C GLY A 123 -4.33 -22.83 8.89
N PRO A 124 -4.50 -23.45 7.72
CA PRO A 124 -5.86 -23.58 7.14
C PRO A 124 -6.85 -24.24 8.08
N ALA A 125 -6.43 -25.24 8.86
CA ALA A 125 -7.36 -25.88 9.78
C ALA A 125 -7.80 -24.90 10.87
N GLY A 126 -6.90 -24.02 11.31
CA GLY A 126 -7.28 -23.01 12.29
C GLY A 126 -8.23 -21.98 11.70
N LEU A 127 -8.02 -21.63 10.43
CA LEU A 127 -8.94 -20.72 9.76
C LEU A 127 -10.33 -21.34 9.67
N THR A 128 -10.40 -22.62 9.28
CA THR A 128 -11.68 -23.29 9.19
C THR A 128 -12.38 -23.33 10.55
N ALA A 129 -11.62 -23.59 11.63
CA ALA A 129 -12.21 -23.62 12.97
C ALA A 129 -12.71 -22.25 13.39
N PHE A 130 -12.01 -21.18 12.99
CA PHE A 130 -12.50 -19.85 13.29
C PHE A 130 -13.82 -19.59 12.58
N LEU A 131 -13.91 -19.97 11.30
CA LEU A 131 -15.12 -19.76 10.52
C LEU A 131 -16.31 -20.49 11.14
N GLN A 132 -16.10 -21.77 11.48
CA GLN A 132 -17.14 -22.55 12.15
C GLN A 132 -17.61 -21.87 13.43
N ALA A 133 -16.66 -21.43 14.26
CA ALA A 133 -17.02 -20.83 15.54
C ALA A 133 -17.87 -19.57 15.36
N GLN A 134 -17.71 -18.86 14.24
CA GLN A 134 -18.46 -17.64 14.00
C GLN A 134 -19.77 -17.87 13.26
N GLY A 135 -20.02 -19.10 12.79
CA GLY A 135 -21.31 -19.43 12.21
C GLY A 135 -21.26 -19.96 10.79
N ASP A 136 -20.08 -20.02 10.15
CA ASP A 136 -19.95 -20.48 8.77
C ASP A 136 -19.50 -21.93 8.80
N ARG A 137 -20.44 -22.85 8.63
CA ARG A 137 -20.14 -24.27 8.57
C ARG A 137 -19.98 -24.77 7.14
N ILE A 138 -19.85 -23.88 6.17
CA ILE A 138 -19.72 -24.26 4.77
C ILE A 138 -18.29 -24.11 4.27
N THR A 139 -17.67 -22.95 4.52
CA THR A 139 -16.36 -22.66 3.96
C THR A 139 -15.30 -23.58 4.56
N VAL A 140 -14.42 -24.12 3.71
CA VAL A 140 -13.33 -24.98 4.15
C VAL A 140 -12.03 -24.39 3.65
N SER A 141 -11.13 -24.02 4.56
CA SER A 141 -9.76 -23.69 4.22
C SER A 141 -8.90 -24.93 4.49
N ALA A 142 -8.15 -25.38 3.48
CA ALA A 142 -7.43 -26.64 3.63
C ALA A 142 -5.95 -26.49 3.30
N ARG A 143 -5.62 -25.59 2.38
CA ARG A 143 -4.26 -25.50 1.88
C ARG A 143 -3.82 -24.05 1.83
N ASN A 144 -2.51 -23.85 1.78
CA ASN A 144 -1.95 -22.52 1.61
C ASN A 144 -1.70 -22.29 0.12
N GLN A 145 -0.99 -21.20 -0.21
CA GLN A 145 -0.70 -20.85 -1.59
C GLN A 145 0.52 -21.62 -2.10
N PRO A 146 0.49 -22.11 -3.36
CA PRO A 146 -0.57 -21.94 -4.36
C PRO A 146 -1.57 -23.09 -4.48
N GLU A 147 -1.43 -24.14 -3.65
CA GLU A 147 -2.27 -25.33 -3.81
C GLU A 147 -3.73 -25.08 -3.49
N LEU A 148 -4.07 -24.04 -2.72
CA LEU A 148 -5.48 -23.77 -2.46
C LEU A 148 -6.24 -23.39 -3.72
N ASN A 149 -5.54 -23.10 -4.83
CA ASN A 149 -6.21 -22.82 -6.09
C ASN A 149 -6.76 -24.07 -6.76
N HIS A 150 -6.35 -25.26 -6.31
CA HIS A 150 -6.88 -26.50 -6.87
C HIS A 150 -8.38 -26.56 -6.64
N PHE A 151 -9.12 -27.01 -7.66
CA PHE A 151 -10.55 -27.20 -7.52
C PHE A 151 -10.98 -28.42 -8.31
N ALA A 152 -11.94 -29.16 -7.76
CA ALA A 152 -12.54 -30.27 -8.46
C ALA A 152 -13.92 -30.46 -7.85
N PRO A 153 -14.93 -30.76 -8.65
CA PRO A 153 -16.27 -31.00 -8.10
C PRO A 153 -16.26 -32.18 -7.12
N GLY A 154 -17.04 -32.04 -6.06
CA GLY A 154 -17.05 -33.04 -5.02
C GLY A 154 -15.94 -32.92 -4.00
N ASP A 155 -14.95 -32.04 -4.23
CA ASP A 155 -13.86 -31.79 -3.31
C ASP A 155 -14.10 -30.43 -2.65
N PRO A 156 -14.57 -30.39 -1.40
CA PRO A 156 -14.90 -29.10 -0.77
C PRO A 156 -13.71 -28.30 -0.26
N ARG A 157 -12.48 -28.80 -0.40
CA ARG A 157 -11.34 -28.09 0.16
C ARG A 157 -11.15 -26.73 -0.53
N ASP A 158 -10.99 -25.68 0.28
CA ASP A 158 -10.70 -24.31 -0.20
C ASP A 158 -11.84 -23.75 -1.06
N THR A 159 -13.06 -24.21 -0.80
CA THR A 159 -14.29 -23.68 -1.42
C THR A 159 -15.11 -22.89 -0.42
N THR A 160 -15.94 -22.00 -0.96
CA THR A 160 -17.00 -21.35 -0.20
C THR A 160 -18.27 -21.37 -1.05
N SER A 161 -19.32 -20.74 -0.53
CA SER A 161 -20.50 -20.47 -1.33
C SER A 161 -20.75 -18.96 -1.35
N PRO A 162 -21.44 -18.45 -2.36
CA PRO A 162 -21.72 -17.02 -2.38
C PRO A 162 -22.47 -16.57 -1.14
N ALA A 163 -23.43 -17.38 -0.67
CA ALA A 163 -24.18 -17.03 0.54
C ALA A 163 -23.29 -17.00 1.76
N ALA A 164 -22.37 -17.97 1.88
CA ALA A 164 -21.54 -18.04 3.08
C ALA A 164 -20.55 -16.88 3.14
N MET A 165 -19.93 -16.54 2.01
CA MET A 165 -18.92 -15.49 2.05
C MET A 165 -19.57 -14.11 2.14
N ALA A 166 -20.78 -13.95 1.61
CA ALA A 166 -21.57 -12.75 1.91
C ALA A 166 -21.89 -12.68 3.40
N GLY A 167 -22.25 -13.82 4.00
CA GLY A 167 -22.42 -13.85 5.45
C GLY A 167 -21.17 -13.44 6.21
N ASN A 168 -20.00 -13.87 5.73
CA ASN A 168 -18.74 -13.55 6.40
C ASN A 168 -18.40 -12.07 6.29
N LEU A 169 -18.69 -11.46 5.13
CA LEU A 169 -18.57 -10.02 4.98
C LEU A 169 -19.41 -9.29 6.02
N GLN A 170 -20.67 -9.73 6.19
CA GLN A 170 -21.53 -9.14 7.24
C GLN A 170 -20.93 -9.34 8.62
N ARG A 171 -20.54 -10.59 8.95
CA ARG A 171 -20.05 -10.91 10.29
C ARG A 171 -18.83 -10.05 10.65
N PHE A 172 -17.84 -10.00 9.78
CA PHE A 172 -16.58 -9.36 10.14
C PHE A 172 -16.57 -7.86 9.90
N LEU A 173 -17.33 -7.36 8.91
CA LEU A 173 -17.35 -5.94 8.61
C LEU A 173 -18.46 -5.18 9.34
N LEU A 174 -19.61 -5.82 9.59
CA LEU A 174 -20.75 -5.15 10.19
C LEU A 174 -21.14 -5.68 11.56
N GLY A 175 -20.91 -6.96 11.84
CA GLY A 175 -21.25 -7.56 13.12
C GLY A 175 -20.20 -7.25 14.16
N ASP A 176 -20.25 -8.01 15.26
CA ASP A 176 -19.44 -7.77 16.45
C ASP A 176 -18.30 -8.76 16.63
N VAL A 177 -17.93 -9.48 15.57
CA VAL A 177 -16.86 -10.48 15.69
C VAL A 177 -15.56 -9.79 16.08
N LEU A 178 -15.28 -8.63 15.49
CA LEU A 178 -14.06 -7.90 15.74
C LEU A 178 -14.35 -6.66 16.57
N SER A 179 -13.32 -6.16 17.28
CA SER A 179 -13.45 -4.92 18.01
C SER A 179 -13.73 -3.78 17.04
N PRO A 180 -14.26 -2.65 17.52
CA PRO A 180 -14.47 -1.50 16.63
C PRO A 180 -13.22 -1.09 15.85
N ALA A 181 -12.04 -1.04 16.49
CA ALA A 181 -10.82 -0.66 15.79
C ALA A 181 -10.41 -1.69 14.74
N SER A 182 -10.43 -2.98 15.11
CA SER A 182 -10.06 -4.03 14.17
C SER A 182 -11.04 -4.07 12.99
N ARG A 183 -12.33 -3.95 13.27
CA ARG A 183 -13.33 -3.97 12.21
C ARG A 183 -13.12 -2.80 11.25
N GLN A 184 -12.77 -1.63 11.78
CA GLN A 184 -12.58 -0.48 10.91
C GLN A 184 -11.31 -0.62 10.08
N GLN A 185 -10.25 -1.17 10.67
CA GLN A 185 -9.03 -1.39 9.91
C GLN A 185 -9.25 -2.38 8.79
N LEU A 186 -10.03 -3.44 9.04
CA LEU A 186 -10.35 -4.41 7.99
C LEU A 186 -11.15 -3.76 6.86
N ALA A 187 -12.11 -2.90 7.21
CA ALA A 187 -12.86 -2.18 6.17
C ALA A 187 -11.94 -1.26 5.38
N ASP A 188 -11.06 -0.52 6.07
CA ASP A 188 -10.13 0.37 5.38
C ASP A 188 -9.27 -0.40 4.39
N TRP A 189 -8.79 -1.59 4.75
CA TRP A 189 -8.00 -2.39 3.82
C TRP A 189 -8.81 -2.75 2.58
N LEU A 190 -10.05 -3.21 2.79
CA LEU A 190 -10.92 -3.55 1.66
C LEU A 190 -11.20 -2.32 0.80
N ILE A 191 -11.43 -1.17 1.44
CA ILE A 191 -11.65 0.08 0.71
C ILE A 191 -10.44 0.42 -0.15
N ASP A 192 -9.24 0.16 0.37
CA ASP A 192 -7.96 0.48 -0.29
C ASP A 192 -7.53 -0.55 -1.35
N ASN A 193 -8.36 -1.55 -1.67
CA ASN A 193 -7.93 -2.62 -2.56
C ASN A 193 -7.51 -2.07 -3.92
N GLN A 194 -6.43 -2.64 -4.48
CA GLN A 194 -5.82 -2.17 -5.71
C GLN A 194 -6.11 -3.07 -6.92
N THR A 195 -6.79 -4.21 -6.74
CA THR A 195 -6.93 -5.21 -7.80
C THR A 195 -8.32 -5.31 -8.42
N GLY A 196 -9.28 -4.49 -8.02
CA GLY A 196 -10.63 -4.67 -8.51
C GLY A 196 -11.20 -3.61 -9.42
N ASP A 197 -10.34 -2.79 -10.06
CA ASP A 197 -10.82 -1.64 -10.82
C ASP A 197 -11.59 -2.05 -12.07
N ALA A 198 -11.28 -3.22 -12.63
CA ALA A 198 -11.99 -3.69 -13.81
C ALA A 198 -13.00 -4.79 -13.51
N ARG A 199 -13.29 -5.04 -12.24
CA ARG A 199 -14.19 -6.13 -11.83
C ARG A 199 -15.49 -5.51 -11.31
N LEU A 200 -15.96 -5.86 -10.09
CA LEU A 200 -17.26 -5.35 -9.64
C LEU A 200 -17.31 -3.83 -9.67
N ARG A 201 -16.21 -3.16 -9.26
CA ARG A 201 -16.22 -1.69 -9.19
C ARG A 201 -16.59 -1.06 -10.53
N ALA A 202 -16.15 -1.63 -11.64
CA ALA A 202 -16.36 -1.02 -12.93
C ALA A 202 -17.81 -1.04 -13.37
N GLY A 203 -18.66 -1.86 -12.73
CA GLY A 203 -20.06 -1.95 -13.09
C GLY A 203 -21.02 -1.33 -12.10
N LEU A 204 -20.54 -1.07 -10.88
CA LEU A 204 -21.37 -0.54 -9.82
C LEU A 204 -21.61 0.96 -10.00
N PRO A 205 -22.77 1.46 -9.58
CA PRO A 205 -23.11 2.86 -9.82
C PRO A 205 -22.40 3.81 -8.87
N GLN A 206 -22.43 5.08 -9.25
CA GLN A 206 -21.95 6.13 -8.38
C GLN A 206 -22.79 6.17 -7.11
N GLY A 207 -22.20 6.72 -6.05
CA GLY A 207 -22.87 6.88 -4.78
C GLY A 207 -22.56 5.83 -3.75
N TRP A 208 -21.64 4.92 -4.04
CA TRP A 208 -21.35 3.79 -3.17
C TRP A 208 -19.85 3.68 -2.95
N ARG A 209 -19.43 3.66 -1.69
CA ARG A 209 -18.05 3.36 -1.34
C ARG A 209 -17.85 1.85 -1.29
N VAL A 210 -16.86 1.35 -2.03
CA VAL A 210 -16.67 -0.09 -2.22
C VAL A 210 -15.41 -0.54 -1.49
N GLY A 211 -15.54 -1.62 -0.75
CA GLY A 211 -14.39 -2.41 -0.31
C GLY A 211 -14.51 -3.80 -0.88
N ASP A 212 -13.40 -4.35 -1.38
CA ASP A 212 -13.51 -5.64 -2.07
C ASP A 212 -12.21 -6.41 -2.01
N LYS A 213 -12.32 -7.71 -2.26
CA LYS A 213 -11.18 -8.62 -2.34
C LYS A 213 -11.41 -9.58 -3.49
N THR A 214 -10.44 -9.66 -4.38
CA THR A 214 -10.56 -10.41 -5.61
C THR A 214 -9.84 -11.76 -5.54
N GLY A 215 -10.04 -12.55 -6.59
CA GLY A 215 -9.26 -13.77 -6.79
C GLY A 215 -9.26 -14.15 -8.25
N SER A 216 -8.22 -14.87 -8.65
CA SER A 216 -8.18 -15.46 -9.99
C SER A 216 -7.18 -16.60 -9.98
N ASN A 217 -7.51 -17.67 -10.70
CA ASN A 217 -6.55 -18.76 -10.88
C ASN A 217 -5.72 -18.60 -12.15
N GLY A 218 -5.87 -17.47 -12.86
CA GLY A 218 -5.10 -17.19 -14.05
C GLY A 218 -5.47 -17.98 -15.28
N GLN A 219 -6.53 -18.78 -15.21
CA GLN A 219 -6.82 -19.72 -16.28
C GLN A 219 -8.31 -19.74 -16.62
N ASP A 220 -9.18 -19.93 -15.62
CA ASP A 220 -10.60 -20.05 -15.92
C ASP A 220 -11.52 -19.58 -14.78
N THR A 221 -10.98 -19.00 -13.72
CA THR A 221 -11.78 -18.73 -12.53
C THR A 221 -11.44 -17.33 -12.04
N SER A 222 -12.46 -16.52 -11.77
CA SER A 222 -12.27 -15.18 -11.19
C SER A 222 -13.35 -14.89 -10.18
N ASN A 223 -12.96 -14.27 -9.05
CA ASN A 223 -13.87 -13.98 -7.96
C ASN A 223 -13.66 -12.56 -7.45
N ASP A 224 -14.73 -11.99 -6.89
CA ASP A 224 -14.71 -10.67 -6.28
C ASP A 224 -15.82 -10.64 -5.22
N ILE A 225 -15.46 -10.26 -4.00
CA ILE A 225 -16.42 -10.14 -2.91
C ILE A 225 -16.32 -8.72 -2.37
N ALA A 226 -17.46 -8.10 -2.07
CA ALA A 226 -17.45 -6.67 -1.80
C ALA A 226 -18.48 -6.30 -0.75
N ALA A 227 -18.16 -5.25 0.00
CA ALA A 227 -19.11 -4.52 0.82
C ALA A 227 -19.40 -3.19 0.14
N LEU A 228 -20.67 -2.77 0.15
CA LEU A 228 -21.09 -1.56 -0.56
C LEU A 228 -21.71 -0.63 0.47
N TRP A 229 -21.02 0.53 0.76
CA TRP A 229 -21.56 1.49 1.71
C TRP A 229 -22.14 2.71 1.00
N PRO A 230 -23.39 3.09 1.26
CA PRO A 230 -23.95 4.29 0.61
C PRO A 230 -23.24 5.54 1.09
N LEU A 231 -22.72 6.32 0.14
CA LEU A 231 -21.91 7.48 0.52
C LEU A 231 -22.73 8.49 1.32
N ALA A 232 -24.04 8.56 1.09
CA ALA A 232 -24.90 9.47 1.82
C ALA A 232 -25.52 8.83 3.06
N GLY A 233 -24.89 7.81 3.62
CA GLY A 233 -25.33 7.20 4.85
C GLY A 233 -26.40 6.15 4.63
N GLY A 234 -26.58 5.30 5.66
CA GLY A 234 -27.58 4.26 5.59
C GLY A 234 -27.01 2.86 5.62
N ALA A 235 -27.81 1.86 5.27
CA ALA A 235 -27.33 0.48 5.52
C ALA A 235 -26.57 -0.06 4.31
N PRO A 236 -25.47 -0.77 4.56
CA PRO A 236 -24.67 -1.29 3.45
C PRO A 236 -25.24 -2.56 2.86
N TRP A 237 -24.76 -2.88 1.67
CA TRP A 237 -25.01 -4.16 1.00
C TRP A 237 -23.74 -4.99 0.99
N LEU A 238 -23.92 -6.31 0.88
CA LEU A 238 -22.81 -7.22 0.65
C LEU A 238 -23.03 -7.93 -0.68
N LEU A 239 -21.95 -8.14 -1.43
CA LEU A 239 -22.02 -8.70 -2.78
C LEU A 239 -20.85 -9.65 -2.98
N SER A 240 -21.14 -10.94 -3.17
CA SER A 240 -20.12 -11.94 -3.45
C SER A 240 -20.32 -12.49 -4.85
N CYS A 241 -19.22 -12.75 -5.55
CA CYS A 241 -19.27 -13.15 -6.95
C CYS A 241 -18.16 -14.15 -7.24
N TYR A 242 -18.54 -15.34 -7.71
CA TYR A 242 -17.61 -16.43 -7.99
C TYR A 242 -17.91 -16.96 -9.39
N LEU A 243 -16.90 -16.98 -10.27
CA LEU A 243 -17.04 -17.49 -11.64
C LEU A 243 -15.97 -18.56 -11.84
N GLN A 244 -16.40 -19.82 -12.01
CA GLN A 244 -15.49 -20.95 -12.05
C GLN A 244 -15.63 -21.72 -13.36
N GLY A 245 -14.50 -22.19 -13.90
CA GLY A 245 -14.56 -23.03 -15.09
C GLY A 245 -15.06 -22.32 -16.34
N SER A 246 -14.80 -21.02 -16.46
CA SER A 246 -15.23 -20.24 -17.60
C SER A 246 -14.30 -20.46 -18.79
N ALA A 247 -14.87 -20.42 -19.99
CA ALA A 247 -14.12 -20.42 -21.23
C ALA A 247 -13.39 -19.10 -21.49
N LEU A 248 -13.73 -18.04 -20.77
CA LEU A 248 -13.11 -16.74 -20.97
C LEU A 248 -11.84 -16.62 -20.14
N ASP A 249 -10.88 -15.88 -20.66
CA ASP A 249 -9.64 -15.61 -19.93
C ASP A 249 -9.90 -14.50 -18.91
N ASP A 250 -8.82 -14.01 -18.27
CA ASP A 250 -8.99 -13.05 -17.19
C ASP A 250 -9.71 -11.79 -17.65
N ASP A 251 -9.39 -11.27 -18.84
CA ASP A 251 -10.03 -10.05 -19.28
C ASP A 251 -11.52 -10.27 -19.53
N GLY A 252 -11.89 -11.41 -20.11
CA GLY A 252 -13.31 -11.67 -20.32
C GLY A 252 -14.04 -11.93 -19.02
N ARG A 253 -13.40 -12.63 -18.07
CA ARG A 253 -14.05 -12.91 -16.80
C ARG A 253 -14.22 -11.62 -15.98
N ASP A 254 -13.24 -10.72 -16.04
CA ASP A 254 -13.41 -9.39 -15.47
C ASP A 254 -14.65 -8.71 -16.04
N GLY A 255 -14.90 -8.89 -17.34
CA GLY A 255 -16.07 -8.29 -17.93
C GLY A 255 -17.36 -8.85 -17.35
N ILE A 256 -17.35 -10.13 -16.98
CA ILE A 256 -18.51 -10.75 -16.36
C ILE A 256 -18.72 -10.17 -14.96
N LEU A 257 -17.63 -10.10 -14.18
CA LEU A 257 -17.71 -9.47 -12.88
C LEU A 257 -18.18 -8.02 -13.00
N ARG A 258 -17.72 -7.31 -14.03
CA ARG A 258 -18.25 -5.97 -14.27
C ARG A 258 -19.75 -6.00 -14.49
N GLN A 259 -20.23 -6.96 -15.28
CA GLN A 259 -21.66 -6.99 -15.56
C GLN A 259 -22.48 -7.39 -14.33
N VAL A 260 -21.91 -8.19 -13.43
CA VAL A 260 -22.56 -8.48 -12.14
C VAL A 260 -22.69 -7.21 -11.32
N GLY A 261 -21.64 -6.37 -11.32
CA GLY A 261 -21.74 -5.06 -10.72
C GLY A 261 -22.90 -4.26 -11.29
N GLU A 262 -23.06 -4.29 -12.61
CA GLU A 262 -24.15 -3.55 -13.25
C GLU A 262 -25.51 -4.10 -12.82
N LEU A 263 -25.68 -5.43 -12.85
CA LEU A 263 -26.93 -6.04 -12.40
C LEU A 263 -27.17 -5.75 -10.92
N ALA A 264 -26.11 -5.74 -10.12
CA ALA A 264 -26.24 -5.39 -8.72
C ALA A 264 -26.71 -3.95 -8.55
N GLY A 265 -26.14 -3.03 -9.32
CA GLY A 265 -26.50 -1.62 -9.19
C GLY A 265 -27.96 -1.36 -9.52
N ALA A 266 -28.51 -2.10 -10.48
CA ALA A 266 -29.91 -2.00 -10.82
C ALA A 266 -30.84 -2.44 -9.70
N ARG A 267 -30.32 -3.13 -8.68
CA ARG A 267 -31.13 -3.59 -7.55
C ARG A 267 -30.89 -2.80 -6.27
N LEU A 268 -30.02 -1.78 -6.29
CA LEU A 268 -29.66 -1.04 -5.08
C LEU A 268 -30.66 0.05 -4.70
N SER B 9 36.16 9.75 -10.48
CA SER B 9 36.14 11.17 -10.10
C SER B 9 34.73 11.74 -10.06
N ASP B 10 34.54 12.79 -9.25
CA ASP B 10 33.26 13.49 -9.16
C ASP B 10 32.98 14.38 -10.35
N ALA B 11 33.91 14.52 -11.28
CA ALA B 11 33.59 15.15 -12.55
C ALA B 11 32.60 14.31 -13.34
N ASP B 12 32.44 13.02 -12.98
CA ASP B 12 31.36 12.22 -13.55
C ASP B 12 30.01 12.90 -13.35
N PHE B 13 29.78 13.47 -12.17
CA PHE B 13 28.49 14.11 -11.92
C PHE B 13 28.40 15.45 -12.66
N ALA B 14 29.52 16.18 -12.75
CA ALA B 14 29.52 17.44 -13.49
C ALA B 14 29.21 17.22 -14.95
N THR B 15 29.74 16.15 -15.54
CA THR B 15 29.44 15.82 -16.92
C THR B 15 27.98 15.45 -17.11
N LEU B 16 27.44 14.63 -16.18
CA LEU B 16 26.04 14.23 -16.28
C LEU B 16 25.13 15.44 -16.19
N GLU B 17 25.48 16.39 -15.32
CA GLU B 17 24.72 17.64 -15.22
C GLU B 17 24.61 18.35 -16.57
N LYS B 18 25.70 18.35 -17.36
CA LYS B 18 25.70 19.00 -18.66
C LYS B 18 24.70 18.36 -19.61
N THR B 19 24.63 17.03 -19.60
CA THR B 19 23.61 16.30 -20.36
C THR B 19 22.20 16.71 -19.93
N SER B 20 22.00 16.97 -18.63
CA SER B 20 20.66 17.21 -18.12
C SER B 20 20.14 18.59 -18.45
N GLY B 21 21.02 19.58 -18.52
CA GLY B 21 20.57 20.95 -18.37
C GLY B 21 20.27 21.18 -16.90
N GLY B 22 20.01 22.40 -16.50
CA GLY B 22 19.67 22.50 -15.10
C GLY B 22 20.78 22.10 -14.12
N ARG B 23 20.36 22.05 -12.86
CA ARG B 23 21.26 21.91 -11.72
C ARG B 23 21.06 20.54 -11.09
N LEU B 24 22.14 19.78 -10.97
CA LEU B 24 22.13 18.42 -10.45
C LEU B 24 22.84 18.41 -9.10
N GLY B 25 22.10 18.12 -8.04
CA GLY B 25 22.67 17.98 -6.70
C GLY B 25 22.66 16.52 -6.28
N VAL B 26 23.83 16.03 -5.88
CA VAL B 26 24.00 14.62 -5.52
C VAL B 26 24.88 14.51 -4.27
N CYS B 27 24.45 13.66 -3.33
CA CYS B 27 25.28 13.31 -2.17
C CYS B 27 25.18 11.81 -1.93
N LEU B 28 26.23 11.10 -2.31
CA LEU B 28 26.40 9.68 -2.03
C LEU B 28 27.34 9.52 -0.84
N TRP B 29 26.87 8.89 0.23
CA TRP B 29 27.55 8.96 1.51
C TRP B 29 27.50 7.62 2.23
N HIS B 30 28.64 7.19 2.78
CA HIS B 30 28.78 5.94 3.52
C HIS B 30 29.15 6.27 4.97
N PRO B 31 28.16 6.37 5.86
CA PRO B 31 28.47 6.87 7.23
C PRO B 31 29.51 6.06 7.99
N ALA B 32 29.60 4.74 7.75
CA ALA B 32 30.50 3.91 8.53
C ALA B 32 31.95 4.26 8.24
N SER B 33 32.26 4.58 6.98
CA SER B 33 33.61 4.96 6.59
C SER B 33 33.79 6.46 6.44
N GLY B 34 32.72 7.22 6.23
CA GLY B 34 32.82 8.64 5.91
C GLY B 34 33.04 8.96 4.45
N ALA B 35 33.16 7.95 3.58
CA ALA B 35 33.29 8.20 2.15
C ALA B 35 32.10 9.00 1.64
N ARG B 36 32.39 9.98 0.78
CA ARG B 36 31.35 10.88 0.29
C ARG B 36 31.66 11.29 -1.13
N TYR B 37 30.65 11.23 -2.01
CA TYR B 37 30.76 11.66 -3.40
C TYR B 37 29.51 12.43 -3.79
N GLY B 38 29.65 13.31 -4.76
CA GLY B 38 28.50 13.96 -5.36
C GLY B 38 28.87 15.30 -5.99
N HIS B 39 27.95 16.25 -5.88
CA HIS B 39 27.96 17.45 -6.72
C HIS B 39 27.02 18.47 -6.10
N ARG B 40 27.48 19.70 -5.90
CA ARG B 40 26.65 20.77 -5.36
C ARG B 40 25.94 20.36 -4.07
N MET B 41 26.62 19.56 -3.25
CA MET B 41 25.90 18.94 -2.14
C MET B 41 25.60 19.90 -1.01
N ASP B 42 26.06 21.15 -1.10
CA ASP B 42 25.69 22.16 -0.14
C ASP B 42 24.80 23.25 -0.73
N GLU B 43 24.39 23.13 -1.99
CA GLU B 43 23.48 24.14 -2.56
C GLU B 43 22.03 23.81 -2.20
N ARG B 44 21.17 24.84 -2.29
CA ARG B 44 19.75 24.67 -2.02
C ARG B 44 19.00 24.18 -3.25
N PHE B 45 18.12 23.20 -3.04
CA PHE B 45 17.26 22.62 -4.06
C PHE B 45 15.83 22.52 -3.54
N PRO B 46 14.84 22.72 -4.42
CA PRO B 46 13.45 22.44 -4.02
C PRO B 46 13.26 20.97 -3.65
N MET B 47 12.67 20.75 -2.46
CA MET B 47 12.41 19.39 -2.01
C MET B 47 11.30 18.71 -2.80
N CYS B 48 10.30 19.48 -3.23
CA CYS B 48 9.02 18.91 -3.64
C CYS B 48 8.56 17.83 -2.66
N SER B 49 8.09 16.69 -3.16
CA SER B 49 7.50 15.70 -2.26
C SER B 49 8.53 14.97 -1.41
N THR B 50 9.84 15.16 -1.59
CA THR B 50 10.76 14.51 -0.67
C THR B 50 10.62 15.04 0.74
N VAL B 51 9.95 16.19 0.92
CA VAL B 51 9.67 16.71 2.25
C VAL B 51 8.81 15.74 3.06
N LYS B 52 8.10 14.84 2.38
CA LYS B 52 7.28 13.88 3.10
C LYS B 52 8.12 12.93 3.94
N PHE B 53 9.40 12.74 3.59
CA PHE B 53 10.24 11.88 4.42
C PHE B 53 10.47 12.51 5.79
N PRO B 54 11.04 13.73 5.91
CA PRO B 54 11.12 14.33 7.25
C PRO B 54 9.77 14.47 7.93
N LEU B 55 8.69 14.69 7.17
CA LEU B 55 7.36 14.78 7.77
C LEU B 55 7.01 13.50 8.53
N ALA B 56 7.23 12.34 7.90
CA ALA B 56 6.91 11.08 8.56
C ALA B 56 7.79 10.84 9.78
N ALA B 57 9.07 11.26 9.71
CA ALA B 57 9.93 11.08 10.87
C ALA B 57 9.45 11.95 12.03
N ALA B 58 9.02 13.18 11.74
CA ALA B 58 8.49 14.03 12.81
C ALA B 58 7.24 13.41 13.44
N ILE B 59 6.40 12.78 12.63
CA ILE B 59 5.22 12.11 13.17
C ILE B 59 5.63 10.99 14.11
N LEU B 60 6.55 10.12 13.67
CA LEU B 60 6.99 9.02 14.51
C LEU B 60 7.69 9.53 15.77
N HIS B 61 8.49 10.60 15.64
CA HIS B 61 9.11 11.18 16.83
C HIS B 61 8.05 11.61 17.83
N ARG B 62 6.97 12.23 17.34
CA ARG B 62 5.85 12.62 18.19
C ARG B 62 5.17 11.39 18.78
N VAL B 63 5.05 10.30 18.00
CA VAL B 63 4.49 9.06 18.52
C VAL B 63 5.38 8.48 19.61
N ASP B 64 6.69 8.44 19.38
CA ASP B 64 7.62 7.95 20.41
C ASP B 64 7.50 8.74 21.70
N ALA B 65 7.34 10.07 21.61
CA ALA B 65 7.24 10.95 22.77
C ALA B 65 5.94 10.78 23.54
N GLY B 66 5.02 9.96 23.06
CA GLY B 66 3.73 9.83 23.68
C GLY B 66 2.76 10.94 23.37
N LYS B 67 3.05 11.79 22.38
CA LYS B 67 2.21 12.94 22.08
C LYS B 67 1.25 12.67 20.93
N LEU B 68 1.34 11.49 20.33
CA LEU B 68 0.53 11.11 19.18
C LEU B 68 0.40 9.60 19.17
N SER B 69 -0.69 9.11 18.62
CA SER B 69 -0.86 7.68 18.38
C SER B 69 -0.93 7.39 16.88
N LEU B 70 -0.20 6.36 16.44
CA LEU B 70 -0.32 5.91 15.06
C LEU B 70 -1.69 5.34 14.76
N ASP B 71 -2.48 5.03 15.78
CA ASP B 71 -3.83 4.53 15.63
C ASP B 71 -4.92 5.57 15.84
N GLN B 72 -4.58 6.82 16.17
CA GLN B 72 -5.66 7.79 16.21
C GLN B 72 -6.07 8.11 14.78
N ARG B 73 -7.35 8.41 14.59
CA ARG B 73 -7.87 8.55 13.24
C ARG B 73 -8.16 10.03 12.95
N VAL B 74 -8.02 10.40 11.68
CA VAL B 74 -8.16 11.78 11.23
C VAL B 74 -9.27 11.80 10.19
N ALA B 75 -10.25 12.68 10.38
CA ALA B 75 -11.36 12.80 9.45
C ALA B 75 -10.88 13.31 8.09
N VAL B 76 -11.50 12.82 7.01
CA VAL B 76 -11.18 13.26 5.65
C VAL B 76 -12.41 13.95 5.07
N ARG B 77 -12.26 15.23 4.72
CA ARG B 77 -13.34 15.99 4.10
C ARG B 77 -13.05 16.20 2.62
N GLN B 78 -14.11 16.48 1.86
CA GLN B 78 -13.93 16.65 0.42
C GLN B 78 -12.93 17.75 0.11
N GLY B 79 -12.93 18.82 0.92
CA GLY B 79 -12.03 19.94 0.67
C GLY B 79 -10.58 19.62 0.95
N ASP B 80 -10.30 18.52 1.64
CA ASP B 80 -8.90 18.09 1.80
C ASP B 80 -8.35 17.44 0.54
N ILE B 81 -9.20 16.93 -0.35
CA ILE B 81 -8.71 16.20 -1.51
C ILE B 81 -8.17 17.19 -2.54
N ILE B 82 -6.89 17.02 -2.87
CA ILE B 82 -6.28 17.76 -3.96
C ILE B 82 -5.74 16.74 -4.95
N SER B 83 -5.22 17.20 -6.09
CA SER B 83 -4.72 16.29 -7.11
C SER B 83 -3.67 15.34 -6.54
N HIS B 84 -3.69 14.11 -7.05
CA HIS B 84 -2.72 13.05 -6.69
C HIS B 84 -2.84 12.67 -5.22
N SER B 85 -4.03 12.21 -4.86
CA SER B 85 -4.35 11.75 -3.51
C SER B 85 -5.04 10.40 -3.57
N PRO B 86 -4.32 9.37 -4.04
CA PRO B 86 -5.01 8.13 -4.46
C PRO B 86 -5.64 7.35 -3.33
N PHE B 87 -5.12 7.44 -2.10
CA PHE B 87 -5.75 6.72 -1.00
C PHE B 87 -6.72 7.59 -0.23
N THR B 88 -6.34 8.83 0.09
CA THR B 88 -7.21 9.70 0.87
C THR B 88 -8.51 9.98 0.15
N GLU B 89 -8.51 10.01 -1.19
CA GLU B 89 -9.74 10.29 -1.93
C GLU B 89 -10.77 9.20 -1.73
N ARG B 90 -10.37 8.02 -1.26
CA ARG B 90 -11.31 6.94 -1.04
C ARG B 90 -11.99 7.02 0.33
N HIS B 91 -11.55 7.92 1.20
CA HIS B 91 -12.08 7.96 2.56
C HIS B 91 -12.76 9.27 2.88
N VAL B 92 -13.27 9.98 1.86
CA VAL B 92 -14.00 11.24 2.08
C VAL B 92 -15.27 10.94 2.86
N GLY B 93 -15.50 11.70 3.93
CA GLY B 93 -16.64 11.46 4.76
C GLY B 93 -16.43 10.46 5.87
N LYS B 94 -15.25 9.86 5.96
CA LYS B 94 -14.92 8.98 7.10
C LYS B 94 -13.55 9.38 7.62
N ASP B 95 -12.80 8.47 8.23
CA ASP B 95 -11.48 8.85 8.74
C ASP B 95 -10.44 7.77 8.43
N MET B 96 -9.17 8.11 8.65
CA MET B 96 -8.03 7.23 8.40
C MET B 96 -7.07 7.25 9.58
N THR B 97 -6.37 6.14 9.83
CA THR B 97 -5.38 6.17 10.91
C THR B 97 -4.19 7.02 10.51
N VAL B 98 -3.52 7.58 11.50
CA VAL B 98 -2.27 8.29 11.26
C VAL B 98 -1.26 7.37 10.56
N ARG B 99 -1.19 6.10 10.98
CA ARG B 99 -0.27 5.15 10.34
C ARG B 99 -0.58 5.00 8.85
N ASP B 100 -1.84 4.83 8.49
CA ASP B 100 -2.19 4.68 7.09
C ASP B 100 -1.94 5.97 6.31
N LEU B 101 -2.08 7.12 6.98
CA LEU B 101 -1.77 8.39 6.32
C LEU B 101 -0.29 8.49 6.02
N CYS B 102 0.56 8.10 6.98
CA CYS B 102 2.00 8.08 6.74
C CYS B 102 2.35 7.18 5.56
N ARG B 103 1.78 5.98 5.53
CA ARG B 103 2.08 5.04 4.46
C ARG B 103 1.71 5.62 3.10
N ALA B 104 0.49 6.14 2.98
CA ALA B 104 0.01 6.65 1.70
C ALA B 104 0.85 7.82 1.19
N THR B 105 1.23 8.73 2.09
CA THR B 105 2.00 9.90 1.66
C THR B 105 3.41 9.50 1.24
N LEU B 106 3.97 8.45 1.83
CA LEU B 106 5.33 8.03 1.47
C LEU B 106 5.37 7.13 0.22
N ILE B 107 4.57 6.07 0.19
CA ILE B 107 4.77 5.05 -0.85
C ILE B 107 4.11 5.41 -2.19
N ILE B 108 3.07 6.24 -2.20
CA ILE B 108 2.44 6.68 -3.45
C ILE B 108 2.43 8.19 -3.59
N SER B 109 3.04 8.92 -2.65
CA SER B 109 3.04 10.38 -2.60
C SER B 109 1.61 10.95 -2.66
N ASP B 110 0.76 10.45 -1.79
CA ASP B 110 -0.59 10.96 -1.56
C ASP B 110 -0.49 12.39 -1.02
N ASN B 111 -0.90 13.39 -1.81
CA ASN B 111 -0.66 14.78 -1.42
C ASN B 111 -1.56 15.21 -0.27
N ALA B 112 -2.87 14.90 -0.35
CA ALA B 112 -3.78 15.24 0.74
C ALA B 112 -3.35 14.60 2.05
N ALA B 113 -2.84 13.37 2.00
CA ALA B 113 -2.35 12.70 3.21
C ALA B 113 -1.29 13.55 3.90
N ALA B 114 -0.36 14.12 3.13
CA ALA B 114 0.65 14.99 3.72
C ALA B 114 0.00 16.20 4.40
N ASN B 115 -1.06 16.76 3.78
CA ASN B 115 -1.72 17.92 4.33
C ASN B 115 -2.49 17.60 5.61
N LEU B 116 -2.95 16.36 5.75
CA LEU B 116 -3.65 15.99 6.97
C LEU B 116 -2.70 15.66 8.11
N LEU B 117 -1.46 15.27 7.79
CA LEU B 117 -0.48 14.97 8.83
C LEU B 117 0.23 16.22 9.34
N LEU B 118 0.50 17.19 8.46
CA LEU B 118 1.26 18.38 8.87
C LEU B 118 0.70 19.08 10.10
N PRO B 119 -0.62 19.29 10.26
CA PRO B 119 -1.10 19.96 11.48
C PRO B 119 -0.80 19.22 12.76
N LEU B 120 -0.63 17.89 12.70
CA LEU B 120 -0.31 17.11 13.90
C LEU B 120 1.09 17.38 14.43
N ILE B 121 1.97 17.99 13.63
CA ILE B 121 3.32 18.35 14.09
C ILE B 121 3.52 19.87 13.98
N ASP B 122 2.40 20.61 14.06
CA ASP B 122 2.41 22.09 14.04
C ASP B 122 2.88 22.66 12.70
N GLY B 123 2.53 21.96 11.61
CA GLY B 123 2.68 22.51 10.30
C GLY B 123 4.12 22.61 9.84
N PRO B 124 4.32 23.25 8.69
CA PRO B 124 5.69 23.41 8.16
C PRO B 124 6.66 24.04 9.13
N ALA B 125 6.19 24.98 9.95
CA ALA B 125 7.08 25.64 10.91
C ALA B 125 7.49 24.67 12.02
N GLY B 126 6.55 23.84 12.48
CA GLY B 126 6.91 22.81 13.43
C GLY B 126 7.80 21.74 12.82
N LEU B 127 7.61 21.42 11.54
CA LEU B 127 8.53 20.50 10.87
C LEU B 127 9.94 21.09 10.81
N THR B 128 10.05 22.37 10.43
CA THR B 128 11.36 23.03 10.43
C THR B 128 12.00 23.02 11.82
N ALA B 129 11.19 23.32 12.86
CA ALA B 129 11.72 23.32 14.22
C ALA B 129 12.25 21.95 14.63
N PHE B 130 11.54 20.89 14.23
CA PHE B 130 11.98 19.53 14.53
C PHE B 130 13.31 19.22 13.83
N LEU B 131 13.41 19.53 12.53
CA LEU B 131 14.67 19.31 11.82
C LEU B 131 15.82 20.04 12.48
N GLN B 132 15.63 21.34 12.74
CA GLN B 132 16.62 22.13 13.48
C GLN B 132 17.05 21.43 14.75
N ALA B 133 16.09 21.05 15.60
CA ALA B 133 16.43 20.45 16.90
C ALA B 133 17.16 19.13 16.75
N GLN B 134 17.02 18.42 15.62
CA GLN B 134 17.75 17.20 15.39
C GLN B 134 19.08 17.43 14.67
N GLY B 135 19.42 18.67 14.34
CA GLY B 135 20.71 18.96 13.74
C GLY B 135 20.68 19.27 12.25
N ASP B 136 19.50 19.38 11.63
CA ASP B 136 19.42 19.86 10.25
C ASP B 136 19.25 21.37 10.30
N ARG B 137 20.32 22.10 10.06
CA ARG B 137 20.26 23.57 10.06
C ARG B 137 20.02 24.16 8.69
N ILE B 138 19.81 23.33 7.66
CA ILE B 138 19.65 23.80 6.28
C ILE B 138 18.19 23.78 5.83
N THR B 139 17.48 22.66 6.08
CA THR B 139 16.20 22.44 5.43
C THR B 139 15.12 23.37 5.96
N VAL B 140 14.34 23.94 5.05
CA VAL B 140 13.24 24.84 5.40
C VAL B 140 11.98 24.25 4.81
N SER B 141 11.05 23.85 5.66
CA SER B 141 9.70 23.56 5.23
C SER B 141 8.83 24.78 5.53
N ALA B 142 8.10 25.26 4.53
CA ALA B 142 7.30 26.47 4.69
C ALA B 142 5.87 26.34 4.18
N ARG B 143 5.59 25.44 3.26
CA ARG B 143 4.25 25.31 2.71
C ARG B 143 3.82 23.86 2.74
N ASN B 144 2.50 23.64 2.64
CA ASN B 144 1.95 22.32 2.52
C ASN B 144 1.78 22.01 1.02
N GLN B 145 0.98 20.94 0.67
CA GLN B 145 0.85 20.60 -0.74
C GLN B 145 -0.27 21.40 -1.38
N PRO B 146 -0.16 21.74 -2.68
CA PRO B 146 0.97 21.45 -3.56
C PRO B 146 1.95 22.63 -3.69
N GLU B 147 1.59 23.76 -3.09
CA GLU B 147 2.41 24.98 -3.22
C GLU B 147 3.87 24.73 -2.86
N LEU B 148 4.13 23.79 -1.94
CA LEU B 148 5.51 23.52 -1.53
C LEU B 148 6.39 23.03 -2.68
N ASN B 149 5.81 22.53 -3.79
CA ASN B 149 6.64 22.10 -4.91
C ASN B 149 7.24 23.27 -5.68
N HIS B 150 6.72 24.49 -5.49
CA HIS B 150 7.17 25.64 -6.26
C HIS B 150 8.57 26.08 -5.84
N PHE B 151 9.26 26.76 -6.77
CA PHE B 151 10.64 27.18 -6.59
C PHE B 151 10.96 28.37 -7.48
N ALA B 152 11.80 29.26 -6.98
CA ALA B 152 12.38 30.36 -7.73
C ALA B 152 13.76 30.63 -7.14
N PRO B 153 14.70 31.12 -7.93
CA PRO B 153 16.06 31.33 -7.40
C PRO B 153 16.07 32.33 -6.25
N GLY B 154 16.89 32.02 -5.24
CA GLY B 154 16.94 32.81 -4.03
C GLY B 154 15.82 32.55 -3.03
N ASP B 155 14.80 31.76 -3.38
CA ASP B 155 13.69 31.50 -2.49
C ASP B 155 14.02 30.26 -1.67
N PRO B 156 14.18 30.37 -0.34
CA PRO B 156 14.56 29.18 0.46
C PRO B 156 13.39 28.31 0.88
N ARG B 157 12.15 28.72 0.67
CA ARG B 157 11.01 27.94 1.16
C ARG B 157 11.02 26.54 0.55
N ASP B 158 10.91 25.53 1.40
CA ASP B 158 10.74 24.13 0.96
C ASP B 158 11.96 23.65 0.20
N THR B 159 13.14 24.10 0.62
CA THR B 159 14.39 23.66 0.02
C THR B 159 15.22 22.87 1.02
N THR B 160 16.12 22.06 0.48
CA THR B 160 17.11 21.35 1.28
C THR B 160 18.41 21.37 0.51
N SER B 161 19.43 20.74 1.08
CA SER B 161 20.64 20.47 0.31
C SER B 161 20.83 18.97 0.19
N PRO B 162 21.54 18.49 -0.83
CA PRO B 162 21.78 17.04 -0.92
C PRO B 162 22.44 16.49 0.34
N ALA B 163 23.47 17.18 0.85
CA ALA B 163 24.15 16.73 2.07
C ALA B 163 23.20 16.73 3.26
N ALA B 164 22.44 17.83 3.43
CA ALA B 164 21.57 17.94 4.59
C ALA B 164 20.53 16.82 4.61
N MET B 165 19.91 16.55 3.46
CA MET B 165 18.90 15.50 3.40
C MET B 165 19.53 14.12 3.55
N ALA B 166 20.74 13.92 3.00
CA ALA B 166 21.49 12.70 3.29
C ALA B 166 21.71 12.53 4.80
N GLY B 167 22.04 13.63 5.49
CA GLY B 167 22.15 13.57 6.95
C GLY B 167 20.85 13.15 7.62
N ASN B 168 19.71 13.61 7.10
CA ASN B 168 18.42 13.20 7.66
C ASN B 168 18.15 11.72 7.42
N LEU B 169 18.46 11.22 6.22
CA LEU B 169 18.30 9.79 5.97
C LEU B 169 19.07 8.97 7.01
N GLN B 170 20.30 9.40 7.31
CA GLN B 170 21.12 8.68 8.29
C GLN B 170 20.52 8.75 9.69
N ARG B 171 20.21 9.96 10.17
CA ARG B 171 19.82 10.05 11.58
C ARG B 171 18.44 9.43 11.82
N PHE B 172 17.51 9.53 10.87
CA PHE B 172 16.16 8.97 11.10
C PHE B 172 16.12 7.47 10.82
N LEU B 173 16.85 6.98 9.80
CA LEU B 173 16.78 5.55 9.50
C LEU B 173 17.83 4.72 10.23
N LEU B 174 19.07 5.21 10.34
CA LEU B 174 20.14 4.41 10.91
C LEU B 174 20.52 4.83 12.32
N GLY B 175 20.32 6.11 12.68
CA GLY B 175 20.65 6.60 14.00
C GLY B 175 19.56 6.26 15.00
N ASP B 176 19.59 6.96 16.13
CA ASP B 176 18.63 6.66 17.20
C ASP B 176 17.73 7.84 17.53
N VAL B 177 17.44 8.71 16.56
CA VAL B 177 16.40 9.72 16.74
C VAL B 177 15.07 9.05 17.08
N LEU B 178 14.73 7.99 16.37
CA LEU B 178 13.49 7.27 16.54
C LEU B 178 13.74 5.97 17.30
N SER B 179 12.67 5.46 17.93
CA SER B 179 12.72 4.16 18.58
C SER B 179 13.02 3.07 17.54
N PRO B 180 13.48 1.89 17.99
CA PRO B 180 13.73 0.80 17.03
C PRO B 180 12.50 0.45 16.21
N ALA B 181 11.33 0.39 16.83
CA ALA B 181 10.12 0.07 16.09
C ALA B 181 9.75 1.18 15.11
N SER B 182 9.94 2.43 15.52
CA SER B 182 9.56 3.55 14.64
C SER B 182 10.48 3.64 13.43
N ARG B 183 11.78 3.45 13.62
CA ARG B 183 12.68 3.61 12.49
C ARG B 183 12.63 2.42 11.54
N GLN B 184 12.39 1.22 12.06
CA GLN B 184 12.14 0.09 11.18
C GLN B 184 10.86 0.29 10.37
N GLN B 185 9.83 0.87 10.98
CA GLN B 185 8.61 1.12 10.23
C GLN B 185 8.84 2.15 9.12
N LEU B 186 9.66 3.17 9.40
CA LEU B 186 9.97 4.18 8.38
C LEU B 186 10.80 3.58 7.25
N ALA B 187 11.79 2.75 7.60
CA ALA B 187 12.55 2.06 6.58
C ALA B 187 11.63 1.19 5.70
N ASP B 188 10.74 0.41 6.33
CA ASP B 188 9.80 -0.44 5.59
C ASP B 188 8.94 0.38 4.64
N TRP B 189 8.51 1.58 5.06
CA TRP B 189 7.76 2.43 4.13
C TRP B 189 8.62 2.82 2.94
N LEU B 190 9.87 3.28 3.19
CA LEU B 190 10.76 3.64 2.08
C LEU B 190 11.05 2.46 1.17
N ILE B 191 11.25 1.26 1.75
CA ILE B 191 11.48 0.06 0.96
C ILE B 191 10.28 -0.25 0.07
N ASP B 192 9.06 0.03 0.57
CA ASP B 192 7.81 -0.21 -0.13
C ASP B 192 7.44 0.88 -1.13
N ASN B 193 8.31 1.87 -1.34
CA ASN B 193 7.97 2.96 -2.24
C ASN B 193 7.61 2.48 -3.65
N GLN B 194 6.51 3.02 -4.19
CA GLN B 194 5.99 2.63 -5.50
C GLN B 194 6.29 3.62 -6.63
N THR B 195 6.93 4.75 -6.33
CA THR B 195 7.05 5.83 -7.31
C THR B 195 8.43 5.99 -7.93
N GLY B 196 9.41 5.19 -7.53
CA GLY B 196 10.75 5.39 -8.02
C GLY B 196 11.30 4.32 -8.94
N ASP B 197 10.45 3.53 -9.58
CA ASP B 197 10.95 2.45 -10.44
C ASP B 197 11.84 2.97 -11.56
N ALA B 198 11.62 4.18 -12.04
CA ALA B 198 12.40 4.69 -13.15
C ALA B 198 13.53 5.62 -12.73
N ARG B 199 13.77 5.82 -11.44
CA ARG B 199 14.78 6.76 -10.98
C ARG B 199 15.98 5.97 -10.41
N LEU B 200 16.45 6.24 -9.19
CA LEU B 200 17.68 5.62 -8.69
C LEU B 200 17.64 4.10 -8.81
N ARG B 201 16.51 3.50 -8.44
CA ARG B 201 16.36 2.04 -8.51
C ARG B 201 16.72 1.48 -9.89
N ALA B 202 16.41 2.22 -10.96
CA ALA B 202 16.64 1.74 -12.32
C ALA B 202 18.11 1.66 -12.67
N GLY B 203 18.98 2.33 -11.94
CA GLY B 203 20.38 2.32 -12.29
C GLY B 203 21.28 1.69 -11.24
N LEU B 204 20.75 1.48 -10.04
CA LEU B 204 21.57 0.88 -9.00
C LEU B 204 21.85 -0.60 -9.30
N PRO B 205 23.02 -1.10 -8.91
CA PRO B 205 23.37 -2.50 -9.20
C PRO B 205 22.59 -3.46 -8.32
N GLN B 206 22.60 -4.72 -8.74
CA GLN B 206 21.93 -5.79 -8.00
C GLN B 206 22.63 -6.02 -6.66
N GLY B 207 21.88 -6.61 -5.74
CA GLY B 207 22.40 -6.93 -4.42
C GLY B 207 22.19 -5.87 -3.37
N TRP B 208 21.38 -4.86 -3.66
CA TRP B 208 21.11 -3.78 -2.71
C TRP B 208 19.62 -3.67 -2.50
N ARG B 209 19.21 -3.63 -1.23
CA ARG B 209 17.84 -3.30 -0.87
C ARG B 209 17.73 -1.78 -0.84
N VAL B 210 16.79 -1.24 -1.62
CA VAL B 210 16.60 0.19 -1.79
C VAL B 210 15.34 0.64 -1.08
N GLY B 211 15.43 1.72 -0.31
CA GLY B 211 14.27 2.45 0.17
C GLY B 211 14.40 3.88 -0.28
N ASP B 212 13.30 4.49 -0.74
CA ASP B 212 13.46 5.79 -1.38
C ASP B 212 12.16 6.59 -1.32
N LYS B 213 12.31 7.91 -1.51
CA LYS B 213 11.20 8.84 -1.64
C LYS B 213 11.50 9.83 -2.76
N THR B 214 10.53 9.98 -3.65
CA THR B 214 10.64 10.79 -4.85
C THR B 214 10.04 12.19 -4.66
N GLY B 215 10.36 13.07 -5.60
CA GLY B 215 9.73 14.37 -5.68
C GLY B 215 9.74 14.83 -7.13
N SER B 216 8.69 15.56 -7.51
CA SER B 216 8.52 16.02 -8.89
C SER B 216 7.68 17.30 -8.89
N ASN B 217 8.07 18.28 -9.70
CA ASN B 217 7.20 19.42 -9.91
C ASN B 217 6.42 19.32 -11.21
N GLY B 218 6.64 18.28 -12.01
CA GLY B 218 5.92 18.09 -13.25
C GLY B 218 6.28 19.07 -14.35
N GLN B 219 7.38 19.80 -14.20
CA GLN B 219 7.73 20.86 -15.14
C GLN B 219 9.20 20.73 -15.52
N ASP B 220 10.10 20.60 -14.53
CA ASP B 220 11.53 20.60 -14.83
C ASP B 220 12.38 20.06 -13.69
N THR B 221 11.75 19.52 -12.64
CA THR B 221 12.47 19.15 -11.43
C THR B 221 12.06 17.74 -11.02
N SER B 222 13.05 16.86 -10.82
CA SER B 222 12.80 15.49 -10.40
C SER B 222 13.81 15.10 -9.35
N ASN B 223 13.33 14.57 -8.22
CA ASN B 223 14.16 14.26 -7.08
C ASN B 223 13.96 12.82 -6.64
N ASP B 224 14.96 12.30 -5.94
CA ASP B 224 14.90 10.95 -5.38
C ASP B 224 15.96 10.83 -4.31
N ILE B 225 15.57 10.36 -3.12
CA ILE B 225 16.48 10.21 -2.00
C ILE B 225 16.35 8.79 -1.47
N ALA B 226 17.48 8.17 -1.16
CA ALA B 226 17.44 6.74 -0.91
C ALA B 226 18.42 6.32 0.18
N ALA B 227 18.09 5.21 0.83
CA ALA B 227 19.02 4.42 1.63
C ALA B 227 19.24 3.09 0.94
N LEU B 228 20.48 2.61 0.94
CA LEU B 228 20.87 1.43 0.19
C LEU B 228 21.49 0.44 1.17
N TRP B 229 20.74 -0.63 1.51
CA TRP B 229 21.28 -1.65 2.41
C TRP B 229 21.82 -2.83 1.60
N PRO B 230 23.04 -3.31 1.85
CA PRO B 230 23.55 -4.44 1.06
C PRO B 230 22.88 -5.75 1.46
N LEU B 231 22.42 -6.50 0.44
CA LEU B 231 21.76 -7.78 0.68
C LEU B 231 22.69 -8.81 1.30
N ALA B 232 23.97 -8.76 0.96
CA ALA B 232 24.95 -9.69 1.52
C ALA B 232 25.42 -9.28 2.91
N GLY B 233 24.84 -8.23 3.50
CA GLY B 233 25.30 -7.73 4.77
C GLY B 233 26.38 -6.67 4.62
N GLY B 234 26.55 -5.89 5.68
CA GLY B 234 27.49 -4.78 5.68
C GLY B 234 26.78 -3.47 5.91
N ALA B 235 27.58 -2.39 5.85
CA ALA B 235 27.07 -1.07 6.23
C ALA B 235 26.36 -0.42 5.05
N PRO B 236 25.27 0.31 5.30
CA PRO B 236 24.50 0.92 4.20
C PRO B 236 25.12 2.22 3.70
N TRP B 237 24.61 2.65 2.53
CA TRP B 237 24.90 3.95 1.94
C TRP B 237 23.64 4.80 1.89
N LEU B 238 23.82 6.12 1.84
CA LEU B 238 22.74 7.05 1.58
C LEU B 238 23.02 7.77 0.26
N LEU B 239 21.95 8.11 -0.46
CA LEU B 239 22.09 8.72 -1.78
C LEU B 239 20.92 9.67 -2.01
N SER B 240 21.17 10.97 -1.91
CA SER B 240 20.15 11.97 -2.20
C SER B 240 20.42 12.58 -3.57
N CYS B 241 19.37 12.86 -4.31
CA CYS B 241 19.57 13.35 -5.67
C CYS B 241 18.45 14.33 -6.01
N TYR B 242 18.85 15.56 -6.33
CA TYR B 242 17.94 16.63 -6.71
C TYR B 242 18.37 17.15 -8.07
N LEU B 243 17.43 17.19 -9.02
CA LEU B 243 17.65 17.77 -10.33
C LEU B 243 16.63 18.87 -10.52
N GLN B 244 17.11 20.12 -10.68
CA GLN B 244 16.25 21.29 -10.75
C GLN B 244 16.54 22.09 -12.00
N GLY B 245 15.48 22.54 -12.68
CA GLY B 245 15.63 23.39 -13.84
C GLY B 245 16.09 22.68 -15.10
N SER B 246 15.84 21.38 -15.21
CA SER B 246 16.30 20.62 -16.37
C SER B 246 15.34 20.81 -17.55
N ALA B 247 15.90 20.85 -18.75
CA ALA B 247 15.09 21.02 -19.96
C ALA B 247 14.59 19.70 -20.53
N LEU B 248 15.08 18.56 -20.07
CA LEU B 248 14.60 17.28 -20.57
C LEU B 248 13.17 17.02 -20.09
N ASP B 249 12.47 16.15 -20.82
CA ASP B 249 11.08 15.87 -20.47
C ASP B 249 11.02 14.93 -19.25
N ASP B 250 9.80 14.53 -18.87
CA ASP B 250 9.61 13.71 -17.68
C ASP B 250 10.50 12.46 -17.72
N ASP B 251 10.44 11.72 -18.83
CA ASP B 251 11.23 10.50 -18.96
C ASP B 251 12.71 10.80 -18.98
N GLY B 252 13.12 11.90 -19.64
CA GLY B 252 14.53 12.22 -19.71
C GLY B 252 15.13 12.61 -18.37
N ARG B 253 14.33 13.29 -17.51
CA ARG B 253 14.82 13.62 -16.17
C ARG B 253 14.94 12.37 -15.30
N ASP B 254 13.96 11.47 -15.39
CA ASP B 254 14.11 10.16 -14.76
C ASP B 254 15.42 9.51 -15.17
N GLY B 255 15.76 9.61 -16.47
CA GLY B 255 16.98 8.98 -16.96
C GLY B 255 18.25 9.56 -16.38
N ILE B 256 18.25 10.85 -16.05
CA ILE B 256 19.39 11.44 -15.36
C ILE B 256 19.54 10.80 -13.98
N LEU B 257 18.41 10.65 -13.27
CA LEU B 257 18.45 10.05 -11.93
C LEU B 257 18.84 8.58 -11.98
N ARG B 258 18.40 7.85 -13.01
CA ARG B 258 18.87 6.49 -13.22
C ARG B 258 20.39 6.46 -13.41
N GLN B 259 20.93 7.39 -14.19
CA GLN B 259 22.38 7.42 -14.40
C GLN B 259 23.15 7.83 -13.15
N VAL B 260 22.58 8.70 -12.31
CA VAL B 260 23.15 8.92 -10.98
C VAL B 260 23.20 7.61 -10.21
N GLY B 261 22.17 6.76 -10.38
CA GLY B 261 22.20 5.46 -9.75
C GLY B 261 23.29 4.57 -10.31
N GLU B 262 23.51 4.64 -11.63
CA GLU B 262 24.57 3.87 -12.26
C GLU B 262 25.95 4.36 -11.82
N LEU B 263 26.14 5.68 -11.74
CA LEU B 263 27.39 6.23 -11.21
C LEU B 263 27.58 5.84 -9.74
N ALA B 264 26.52 5.92 -8.94
CA ALA B 264 26.60 5.50 -7.54
C ALA B 264 27.01 4.04 -7.42
N GLY B 265 26.53 3.19 -8.33
CA GLY B 265 26.90 1.78 -8.29
C GLY B 265 28.39 1.56 -8.46
N ALA B 266 29.05 2.39 -9.27
CA ALA B 266 30.48 2.25 -9.48
C ALA B 266 31.27 2.48 -8.19
N ARG B 267 30.65 3.08 -7.17
CA ARG B 267 31.32 3.32 -5.88
C ARG B 267 30.92 2.34 -4.80
N LEU B 268 29.94 1.47 -5.04
CA LEU B 268 29.41 0.60 -3.98
C LEU B 268 30.23 -0.70 -3.81
#